data_4H71
#
_entry.id   4H71
#
_cell.length_a   33.260
_cell.length_b   102.750
_cell.length_c   68.490
_cell.angle_alpha   90.00
_cell.angle_beta   93.85
_cell.angle_gamma   90.00
#
_symmetry.space_group_name_H-M   'P 1 21 1'
#
loop_
_entity.id
_entity.type
_entity.pdbx_description
1 polymer 'Serine/threonine-protein kinase PLK1'
2 non-polymer GLYCEROL
3 non-polymer '2-methyl-5-(1-methylethyl)cyclohexa-2,5-diene-1,4-dione 1-oxime'
4 water water
#
_entity_poly.entity_id   1
_entity_poly.type   'polypeptide(L)'
_entity_poly.pdbx_seq_one_letter_code
;SNAGEVVDCHLSDMLQQLHSVNASKPSERGLVRQEEAEDPACIPIFWVSKWVDYSDKYGLGYQLCDNSVGVLFNDSTRLI
LYNDGDSLQYIERDGTESYLTVSSHPNSLMKKITLLKYFRNYMSEHLLKAGANITPREGDELARLPYLRTWFRTRSAIIL
HLSNGSVQINFFQDHTKLILCPLMAAVTYIDEKRDFRTYRLSLLEEYGCCKELASRLRYARTMVDKLLSSRSASNRLKAS
;
_entity_poly.pdbx_strand_id   B,A
#
loop_
_chem_comp.id
_chem_comp.type
_chem_comp.name
_chem_comp.formula
GOL non-polymer GLYCEROL 'C3 H8 O3'
PXE non-polymer '2-methyl-5-(1-methylethyl)cyclohexa-2,5-diene-1,4-dione 1-oxime' 'C10 H13 N O2'
#
# COMPACT_ATOMS: atom_id res chain seq x y z
N CYS A 9 -2.84 3.79 32.57
CA CYS A 9 -4.08 4.20 31.83
C CYS A 9 -4.36 3.27 30.66
N HIS A 10 -3.67 3.50 29.54
CA HIS A 10 -3.76 2.64 28.36
C HIS A 10 -3.32 1.21 28.65
N LEU A 11 -2.30 1.07 29.52
CA LEU A 11 -1.79 -0.23 29.92
C LEU A 11 -2.81 -0.99 30.75
N SER A 12 -3.46 -0.29 31.68
CA SER A 12 -4.51 -0.89 32.50
C SER A 12 -5.70 -1.29 31.60
N ASP A 13 -6.02 -0.45 30.61
CA ASP A 13 -7.04 -0.78 29.60
C ASP A 13 -6.65 -2.02 28.81
N MET A 14 -5.41 -2.03 28.30
CA MET A 14 -4.91 -3.20 27.59
C MET A 14 -5.02 -4.44 28.46
N LEU A 15 -4.71 -4.28 29.76
CA LEU A 15 -4.70 -5.44 30.65
C LEU A 15 -6.08 -6.09 30.80
N GLN A 16 -7.12 -5.25 30.89
CA GLN A 16 -8.50 -5.73 30.98
C GLN A 16 -8.98 -6.36 29.67
N GLN A 17 -8.66 -5.72 28.55
CA GLN A 17 -8.95 -6.27 27.22
C GLN A 17 -8.33 -7.66 27.00
N LEU A 18 -7.08 -7.83 27.42
CA LEU A 18 -6.41 -9.13 27.35
C LEU A 18 -7.03 -10.12 28.32
N HIS A 19 -7.24 -9.70 29.57
CA HIS A 19 -7.83 -10.62 30.54
C HIS A 19 -9.18 -11.13 30.04
N SER A 20 -9.94 -10.23 29.44
CA SER A 20 -11.28 -10.50 28.95
C SER A 20 -11.23 -11.48 27.79
N VAL A 21 -10.30 -11.29 26.87
CA VAL A 21 -10.16 -12.26 25.77
C VAL A 21 -9.69 -13.61 26.32
N ASN A 22 -8.69 -13.61 27.19
CA ASN A 22 -8.13 -14.84 27.77
C ASN A 22 -9.11 -15.64 28.65
N ALA A 23 -9.91 -14.91 29.43
CA ALA A 23 -11.01 -15.47 30.24
C ALA A 23 -12.12 -16.12 29.40
N SER A 24 -12.17 -15.77 28.11
CA SER A 24 -13.14 -16.36 27.18
C SER A 24 -12.65 -17.70 26.60
N LYS A 25 -11.40 -18.08 26.95
CA LYS A 25 -10.75 -19.29 26.44
C LYS A 25 -11.08 -19.49 24.95
N PRO A 26 -10.59 -18.55 24.10
CA PRO A 26 -11.05 -18.44 22.71
C PRO A 26 -10.69 -19.62 21.81
N SER A 27 -9.67 -20.40 22.18
CA SER A 27 -9.30 -21.58 21.39
C SER A 27 -10.11 -22.83 21.72
N GLU A 28 -11.09 -22.70 22.62
CA GLU A 28 -11.91 -23.85 23.00
C GLU A 28 -13.34 -23.82 22.45
N ARG A 29 -13.63 -22.90 21.52
CA ARG A 29 -14.91 -22.90 20.83
C ARG A 29 -15.06 -24.19 20.05
N GLY A 30 -16.29 -24.70 19.96
CA GLY A 30 -16.62 -25.86 19.12
C GLY A 30 -15.95 -25.73 17.77
N LEU A 31 -16.31 -24.69 17.05
CA LEU A 31 -15.64 -24.26 15.82
C LEU A 31 -15.09 -22.84 16.00
N VAL A 32 -13.79 -22.63 15.76
CA VAL A 32 -13.25 -21.26 15.82
C VAL A 32 -13.49 -20.52 14.48
N ARG A 33 -13.93 -19.26 14.59
CA ARG A 33 -14.29 -18.44 13.43
C ARG A 33 -13.55 -17.10 13.44
N GLN A 34 -12.25 -17.20 13.67
CA GLN A 34 -11.30 -16.09 13.77
C GLN A 34 -11.49 -14.99 12.74
N GLU A 35 -11.71 -15.40 11.49
CA GLU A 35 -11.82 -14.48 10.36
C GLU A 35 -12.92 -13.44 10.53
N GLU A 36 -13.99 -13.83 11.24
CA GLU A 36 -15.08 -12.91 11.55
C GLU A 36 -14.65 -11.79 12.48
N ALA A 37 -13.57 -12.02 13.22
CA ALA A 37 -13.02 -11.01 14.16
C ALA A 37 -12.08 -9.98 13.52
N GLU A 38 -11.61 -10.26 12.29
CA GLU A 38 -10.75 -9.32 11.57
C GLU A 38 -11.43 -7.97 11.34
N ASP A 39 -10.69 -6.89 11.55
CA ASP A 39 -11.22 -5.54 11.41
C ASP A 39 -10.14 -4.64 10.80
N PRO A 40 -10.20 -4.41 9.47
CA PRO A 40 -9.20 -3.61 8.76
C PRO A 40 -9.13 -2.15 9.24
N ALA A 41 -10.21 -1.64 9.84
CA ALA A 41 -10.20 -0.32 10.47
C ALA A 41 -9.24 -0.23 11.65
N CYS A 42 -8.78 -1.38 12.14
CA CYS A 42 -7.93 -1.46 13.33
C CYS A 42 -6.45 -1.69 13.04
N ILE A 43 -6.10 -1.86 11.76
CA ILE A 43 -4.71 -2.08 11.38
C ILE A 43 -3.83 -0.95 11.96
N PRO A 44 -2.72 -1.32 12.66
CA PRO A 44 -1.91 -0.29 13.31
C PRO A 44 -1.18 0.56 12.29
N ILE A 45 -0.97 1.82 12.62
CA ILE A 45 -0.22 2.71 11.74
C ILE A 45 1.29 2.53 11.91
N PHE A 46 1.73 2.30 13.16
CA PHE A 46 3.15 2.15 13.45
C PHE A 46 3.46 0.86 14.19
N TRP A 47 4.57 0.24 13.82
CA TRP A 47 5.16 -0.84 14.61
C TRP A 47 6.66 -0.86 14.39
N VAL A 48 7.36 -1.60 15.25
CA VAL A 48 8.79 -1.71 15.16
C VAL A 48 9.16 -2.78 14.14
N SER A 49 9.89 -2.38 13.10
CA SER A 49 10.26 -3.32 12.06
C SER A 49 11.66 -3.90 12.25
N LYS A 50 12.53 -3.18 12.95
CA LYS A 50 13.92 -3.60 13.24
C LYS A 50 14.36 -3.06 14.59
N TRP A 51 15.15 -3.82 15.33
CA TRP A 51 15.71 -3.28 16.58
C TRP A 51 17.12 -3.79 16.84
N VAL A 52 17.89 -2.98 17.58
CA VAL A 52 19.26 -3.34 17.98
C VAL A 52 19.45 -3.03 19.43
N ASP A 53 19.75 -4.07 20.19
CA ASP A 53 20.02 -3.90 21.60
C ASP A 53 21.51 -3.61 21.83
N TYR A 54 21.83 -2.33 22.04
CA TYR A 54 23.16 -1.90 22.40
C TYR A 54 23.14 -1.30 23.82
N SER A 55 22.33 -1.90 24.68
CA SER A 55 22.03 -1.31 26.00
C SER A 55 23.20 -1.39 26.97
N ASP A 56 24.17 -2.24 26.66
CA ASP A 56 25.42 -2.32 27.44
C ASP A 56 26.13 -0.98 27.48
N LYS A 57 26.06 -0.22 26.38
CA LYS A 57 26.83 1.02 26.27
C LYS A 57 26.03 2.27 25.89
N TYR A 58 25.09 2.14 24.95
CA TYR A 58 24.40 3.32 24.40
C TYR A 58 22.88 3.38 24.58
N GLY A 59 22.24 2.25 24.31
CA GLY A 59 20.79 2.19 24.38
C GLY A 59 20.20 1.21 23.40
N LEU A 60 18.94 1.45 23.07
CA LEU A 60 18.20 0.58 22.18
C LEU A 60 17.79 1.37 20.93
N GLY A 61 18.31 0.97 19.77
CA GLY A 61 17.90 1.61 18.53
C GLY A 61 16.85 0.79 17.78
N TYR A 62 16.00 1.45 17.02
CA TYR A 62 14.91 0.73 16.36
C TYR A 62 14.51 1.45 15.09
N GLN A 63 13.85 0.72 14.21
CA GLN A 63 13.29 1.29 13.03
C GLN A 63 11.80 1.03 13.12
N LEU A 64 11.02 2.06 12.78
CA LEU A 64 9.60 1.89 12.57
C LEU A 64 9.32 1.55 11.14
N CYS A 65 8.11 1.04 10.93
CA CYS A 65 7.67 0.53 9.64
C CYS A 65 7.73 1.57 8.53
N ASP A 66 7.77 2.85 8.88
CA ASP A 66 7.88 3.89 7.85
C ASP A 66 9.34 4.24 7.53
N ASN A 67 10.28 3.47 8.10
CA ASN A 67 11.71 3.70 7.90
C ASN A 67 12.30 4.83 8.74
N SER A 68 11.48 5.53 9.52
CA SER A 68 12.05 6.40 10.55
C SER A 68 12.80 5.51 11.55
N VAL A 69 13.79 6.10 12.21
CA VAL A 69 14.55 5.38 13.21
C VAL A 69 14.47 6.14 14.53
N GLY A 70 14.64 5.43 15.63
CA GLY A 70 14.66 6.05 16.94
C GLY A 70 15.66 5.38 17.83
N VAL A 71 15.99 6.06 18.93
CA VAL A 71 16.87 5.48 19.92
C VAL A 71 16.33 5.90 21.27
N LEU A 72 16.22 4.94 22.18
CA LEU A 72 16.09 5.24 23.59
C LEU A 72 17.45 5.07 24.24
N PHE A 73 18.09 6.19 24.55
CA PHE A 73 19.44 6.17 25.12
C PHE A 73 19.42 5.74 26.57
N ASN A 74 20.54 5.18 27.01
CA ASN A 74 20.75 4.82 28.41
C ASN A 74 20.48 5.95 29.41
N ASP A 75 20.83 7.19 29.04
CA ASP A 75 20.52 8.36 29.87
C ASP A 75 19.04 8.78 29.90
N SER A 76 18.18 7.87 29.43
CA SER A 76 16.73 8.06 29.31
C SER A 76 16.24 9.24 28.44
N THR A 77 17.08 9.69 27.51
CA THR A 77 16.61 10.63 26.47
C THR A 77 16.32 9.84 25.19
N ARG A 78 15.51 10.43 24.30
CA ARG A 78 15.13 9.79 23.04
C ARG A 78 15.39 10.68 21.82
N LEU A 79 15.86 10.06 20.74
CA LEU A 79 16.06 10.79 19.49
C LEU A 79 15.44 10.03 18.32
N ILE A 80 14.64 10.74 17.52
CA ILE A 80 13.97 10.17 16.37
C ILE A 80 14.44 10.88 15.11
N LEU A 81 14.77 10.09 14.07
CA LEU A 81 15.09 10.60 12.74
C LEU A 81 14.01 10.19 11.75
N TYR A 82 13.30 11.17 11.21
CA TYR A 82 12.23 10.93 10.24
C TYR A 82 12.77 10.40 8.92
N ASN A 83 11.89 9.88 8.09
CA ASN A 83 12.31 9.18 6.87
C ASN A 83 12.77 10.09 5.74
N ASP A 84 12.61 11.41 5.93
CA ASP A 84 13.30 12.38 5.05
C ASP A 84 14.84 12.37 5.23
N GLY A 85 15.31 11.77 6.32
CA GLY A 85 16.75 11.66 6.59
C GLY A 85 17.43 12.89 7.17
N ASP A 86 16.66 13.90 7.57
CA ASP A 86 17.23 15.13 8.15
C ASP A 86 16.48 15.62 9.39
N SER A 87 15.14 15.52 9.37
CA SER A 87 14.30 16.01 10.48
C SER A 87 14.44 15.13 11.71
N LEU A 88 14.60 15.79 12.86
CA LEU A 88 14.77 15.11 14.13
C LEU A 88 13.70 15.54 15.12
N GLN A 89 13.38 14.63 16.02
CA GLN A 89 12.67 14.94 17.26
C GLN A 89 13.49 14.44 18.45
N TYR A 90 13.79 15.35 19.38
CA TYR A 90 14.53 15.05 20.57
C TYR A 90 13.65 15.19 21.81
N ILE A 91 13.72 14.22 22.71
CA ILE A 91 12.90 14.20 23.93
C ILE A 91 13.80 14.07 25.15
N GLU A 92 13.72 15.07 26.02
CA GLU A 92 14.57 15.15 27.21
C GLU A 92 14.17 14.09 28.24
N ARG A 93 15.03 13.89 29.24
CA ARG A 93 14.77 12.93 30.31
C ARG A 93 13.44 13.27 30.98
N ASP A 94 13.18 14.58 31.11
CA ASP A 94 11.93 15.09 31.66
C ASP A 94 10.70 14.93 30.73
N GLY A 95 10.91 14.52 29.48
CA GLY A 95 9.81 14.34 28.51
C GLY A 95 9.54 15.49 27.55
N THR A 96 10.29 16.57 27.69
CA THR A 96 10.14 17.76 26.84
C THR A 96 10.59 17.50 25.38
N GLU A 97 9.69 17.70 24.43
CA GLU A 97 9.97 17.46 23.00
C GLU A 97 10.42 18.73 22.25
N SER A 98 11.30 18.54 21.28
CA SER A 98 11.70 19.61 20.34
C SER A 98 12.16 19.05 19.00
N TYR A 99 12.06 19.88 17.98
CA TYR A 99 12.29 19.47 16.61
C TYR A 99 13.42 20.30 16.05
N LEU A 100 14.27 19.66 15.24
CA LEU A 100 15.43 20.30 14.65
C LEU A 100 15.92 19.41 13.52
N THR A 101 17.02 19.78 12.88
CA THR A 101 17.51 18.97 11.77
C THR A 101 18.95 18.55 11.99
N VAL A 102 19.35 17.41 11.44
CA VAL A 102 20.75 17.00 11.44
C VAL A 102 21.61 18.12 10.82
N SER A 103 21.12 18.68 9.71
CA SER A 103 21.91 19.63 8.92
C SER A 103 22.13 20.97 9.64
N SER A 104 21.37 21.21 10.70
CA SER A 104 21.58 22.39 11.56
C SER A 104 22.88 22.27 12.37
N HIS A 105 23.36 21.04 12.51
CA HIS A 105 24.63 20.72 13.17
C HIS A 105 24.69 21.21 14.63
N PRO A 106 23.76 20.74 15.49
CA PRO A 106 23.74 21.17 16.89
C PRO A 106 24.86 20.46 17.67
N ASN A 107 25.88 21.23 18.07
CA ASN A 107 27.06 20.70 18.73
C ASN A 107 26.73 19.74 19.87
N SER A 108 25.80 20.16 20.72
CA SER A 108 25.37 19.38 21.91
C SER A 108 24.75 18.02 21.59
N LEU A 109 24.16 17.88 20.41
CA LEU A 109 23.49 16.62 20.03
C LEU A 109 24.27 15.76 19.01
N MET A 110 25.41 16.24 18.56
CA MET A 110 26.15 15.55 17.50
C MET A 110 26.52 14.10 17.84
N LYS A 111 26.87 13.85 19.10
CA LYS A 111 27.18 12.47 19.54
C LYS A 111 25.97 11.55 19.39
N LYS A 112 24.81 12.02 19.86
CA LYS A 112 23.58 11.23 19.81
C LYS A 112 23.11 11.03 18.37
N ILE A 113 23.25 12.07 17.56
CA ILE A 113 22.94 11.97 16.14
C ILE A 113 23.83 10.89 15.47
N THR A 114 25.12 10.91 15.82
CA THR A 114 26.06 10.00 15.20
C THR A 114 25.72 8.55 15.62
N LEU A 115 25.35 8.36 16.89
CA LEU A 115 24.88 7.05 17.37
C LEU A 115 23.63 6.57 16.64
N LEU A 116 22.65 7.47 16.46
CA LEU A 116 21.44 7.13 15.73
C LEU A 116 21.77 6.71 14.29
N LYS A 117 22.63 7.47 13.60
CA LYS A 117 23.02 7.11 12.22
C LYS A 117 23.71 5.76 12.15
N TYR A 118 24.50 5.44 13.18
CA TYR A 118 25.11 4.11 13.26
C TYR A 118 24.04 3.03 13.31
N PHE A 119 23.06 3.21 14.20
CA PHE A 119 21.92 2.31 14.34
C PHE A 119 21.17 2.15 13.02
N ARG A 120 20.84 3.27 12.39
CA ARG A 120 20.12 3.24 11.09
C ARG A 120 20.88 2.45 10.04
N ASN A 121 22.17 2.75 9.94
CA ASN A 121 23.03 2.12 8.95
C ASN A 121 23.20 0.63 9.20
N TYR A 122 23.36 0.25 10.46
CA TYR A 122 23.52 -1.16 10.83
C TYR A 122 22.24 -1.98 10.54
N MET A 123 21.09 -1.41 10.90
CA MET A 123 19.81 -2.06 10.63
C MET A 123 19.54 -2.20 9.13
N SER A 124 19.90 -1.16 8.37
CA SER A 124 19.74 -1.13 6.93
C SER A 124 20.45 -2.30 6.24
N GLU A 125 21.69 -2.52 6.67
CA GLU A 125 22.59 -3.45 6.01
C GLU A 125 22.54 -4.88 6.56
N HIS A 126 22.10 -5.02 7.81
CA HIS A 126 22.31 -6.28 8.55
C HIS A 126 21.06 -6.92 9.17
N LEU A 127 19.92 -6.27 9.04
CA LEU A 127 18.66 -6.82 9.53
C LEU A 127 17.55 -6.73 8.48
N LEU A 128 16.58 -7.62 8.58
CA LEU A 128 15.42 -7.65 7.71
C LEU A 128 14.23 -6.93 8.35
N LYS A 129 13.36 -6.38 7.52
CA LYS A 129 12.16 -5.68 7.98
C LYS A 129 11.06 -6.62 8.47
N ALA A 130 10.66 -6.48 9.73
CA ALA A 130 9.43 -7.12 10.17
C ALA A 130 8.22 -6.37 9.63
N GLY A 131 7.24 -7.12 9.12
CA GLY A 131 6.01 -6.56 8.57
C GLY A 131 6.20 -5.76 7.30
N ALA A 132 7.18 -6.17 6.49
CA ALA A 132 7.51 -5.47 5.26
C ALA A 132 6.35 -5.51 4.24
N ASN A 133 5.69 -6.66 4.15
CA ASN A 133 4.50 -6.78 3.33
C ASN A 133 3.24 -6.71 4.20
N ILE A 134 2.85 -5.49 4.57
CA ILE A 134 1.63 -5.26 5.37
C ILE A 134 0.78 -4.11 4.80
N THR A 135 -0.49 -4.42 4.53
CA THR A 135 -1.45 -3.42 4.06
C THR A 135 -1.71 -2.36 5.13
N PRO A 136 -1.46 -1.08 4.81
CA PRO A 136 -1.74 0.04 5.71
C PRO A 136 -3.23 0.22 5.98
N ARG A 137 -3.56 0.82 7.12
CA ARG A 137 -4.94 1.18 7.44
C ARG A 137 -5.47 2.18 6.41
N ARG A 144 0.44 11.05 14.64
CA ARG A 144 1.59 11.29 15.52
C ARG A 144 2.52 10.06 15.57
N LEU A 145 3.75 10.26 15.11
CA LEU A 145 4.78 9.23 15.16
C LEU A 145 5.23 9.02 16.60
N PRO A 146 5.13 7.77 17.10
CA PRO A 146 5.50 7.46 18.48
C PRO A 146 6.98 7.30 18.71
N TYR A 147 7.39 7.46 19.96
CA TYR A 147 8.73 7.11 20.36
C TYR A 147 8.61 5.86 21.22
N LEU A 148 9.73 5.24 21.54
CA LEU A 148 9.73 4.08 22.40
C LEU A 148 9.72 4.55 23.86
N ARG A 149 8.65 4.25 24.58
CA ARG A 149 8.53 4.65 26.01
C ARG A 149 9.38 3.77 26.92
N THR A 150 9.20 2.46 26.78
CA THR A 150 10.06 1.53 27.50
C THR A 150 10.15 0.19 26.78
N TRP A 151 11.10 -0.63 27.19
CA TRP A 151 11.25 -1.94 26.62
C TRP A 151 11.86 -2.84 27.67
N PHE A 152 11.76 -4.14 27.48
CA PHE A 152 12.51 -5.11 28.28
C PHE A 152 12.52 -6.42 27.52
N ARG A 153 13.40 -7.32 27.94
CA ARG A 153 13.55 -8.61 27.28
C ARG A 153 13.29 -9.67 28.33
N THR A 154 12.72 -10.80 27.89
CA THR A 154 12.68 -11.98 28.74
C THR A 154 13.49 -13.02 28.00
N ARG A 155 13.51 -14.25 28.51
CA ARG A 155 14.19 -15.34 27.81
C ARG A 155 13.56 -15.65 26.47
N SER A 156 12.28 -15.34 26.30
CA SER A 156 11.60 -15.76 25.07
C SER A 156 11.08 -14.64 24.17
N ALA A 157 11.16 -13.40 24.64
CA ALA A 157 10.63 -12.27 23.84
C ALA A 157 11.26 -10.92 24.20
N ILE A 158 11.12 -9.95 23.29
CA ILE A 158 11.37 -8.55 23.60
C ILE A 158 10.04 -7.81 23.55
N ILE A 159 9.84 -6.93 24.53
CA ILE A 159 8.58 -6.21 24.73
C ILE A 159 8.83 -4.73 24.50
N LEU A 160 8.09 -4.14 23.56
CA LEU A 160 8.30 -2.75 23.16
C LEU A 160 7.04 -1.91 23.39
N HIS A 161 7.13 -0.91 24.24
CA HIS A 161 5.98 -0.09 24.61
C HIS A 161 6.13 1.29 24.00
N LEU A 162 5.31 1.60 22.99
CA LEU A 162 5.39 2.87 22.26
C LEU A 162 4.57 3.95 22.94
N SER A 163 4.91 5.21 22.67
CA SER A 163 4.24 6.33 23.36
C SER A 163 2.80 6.51 22.94
N ASN A 164 2.38 5.86 21.84
CA ASN A 164 0.97 5.88 21.43
C ASN A 164 0.10 4.84 22.16
N GLY A 165 0.71 4.08 23.06
CA GLY A 165 -0.03 3.10 23.86
C GLY A 165 0.14 1.68 23.36
N SER A 166 0.60 1.55 22.12
CA SER A 166 0.83 0.25 21.50
C SER A 166 1.91 -0.51 22.24
N VAL A 167 1.70 -1.81 22.38
CA VAL A 167 2.70 -2.71 22.96
C VAL A 167 2.97 -3.78 21.90
N GLN A 168 4.25 -3.99 21.57
CA GLN A 168 4.65 -4.99 20.59
C GLN A 168 5.49 -6.03 21.30
N ILE A 169 5.21 -7.29 21.00
CA ILE A 169 5.96 -8.38 21.58
C ILE A 169 6.50 -9.27 20.47
N ASN A 170 7.82 -9.36 20.40
CA ASN A 170 8.52 -10.19 19.41
C ASN A 170 9.06 -11.47 20.07
N PHE A 171 8.61 -12.63 19.61
CA PHE A 171 9.01 -13.91 20.21
C PHE A 171 10.28 -14.42 19.51
N PHE A 172 11.30 -14.79 20.28
CA PHE A 172 12.61 -15.16 19.69
C PHE A 172 12.59 -16.51 18.97
N GLN A 173 11.96 -17.51 19.58
CA GLN A 173 12.10 -18.90 19.14
C GLN A 173 11.59 -19.14 17.73
N ASP A 174 10.54 -18.43 17.36
CA ASP A 174 9.85 -18.68 16.10
C ASP A 174 9.55 -17.45 15.24
N HIS A 175 10.10 -16.29 15.58
CA HIS A 175 9.85 -15.03 14.82
C HIS A 175 8.40 -14.54 14.75
N THR A 176 7.53 -15.07 15.63
CA THR A 176 6.16 -14.56 15.68
C THR A 176 6.11 -13.27 16.50
N LYS A 177 5.17 -12.40 16.16
CA LYS A 177 5.01 -11.09 16.82
C LYS A 177 3.55 -10.70 17.05
N LEU A 178 3.30 -9.95 18.13
CA LEU A 178 2.00 -9.31 18.38
C LEU A 178 2.14 -7.80 18.48
N ILE A 179 1.20 -7.09 17.89
CA ILE A 179 1.11 -5.65 18.05
C ILE A 179 -0.26 -5.35 18.67
N LEU A 180 -0.26 -4.91 19.92
CA LEU A 180 -1.51 -4.63 20.63
C LEU A 180 -1.78 -3.14 20.65
N CYS A 181 -3.02 -2.75 20.29
CA CYS A 181 -3.43 -1.36 20.46
C CYS A 181 -4.58 -1.26 21.46
N PRO A 182 -4.41 -0.49 22.54
CA PRO A 182 -5.49 -0.42 23.54
C PRO A 182 -6.57 0.60 23.17
N LEU A 183 -6.27 1.48 22.22
CA LEU A 183 -7.24 2.47 21.71
C LEU A 183 -8.27 1.79 20.83
N MET A 184 -7.78 0.95 19.92
CA MET A 184 -8.59 0.20 18.98
C MET A 184 -9.06 -1.11 19.61
N ALA A 185 -8.45 -1.46 20.74
CA ALA A 185 -8.72 -2.73 21.45
C ALA A 185 -8.50 -3.90 20.48
N ALA A 186 -7.32 -3.90 19.85
CA ALA A 186 -7.02 -4.80 18.77
C ALA A 186 -5.64 -5.44 18.90
N VAL A 187 -5.45 -6.53 18.16
CA VAL A 187 -4.19 -7.24 18.12
C VAL A 187 -3.86 -7.65 16.70
N THR A 188 -2.62 -7.35 16.27
CA THR A 188 -2.12 -7.82 14.99
C THR A 188 -1.15 -8.94 15.29
N TYR A 189 -1.35 -10.07 14.61
CA TYR A 189 -0.51 -11.25 14.75
C TYR A 189 0.33 -11.47 13.49
N ILE A 190 1.64 -11.58 13.67
CA ILE A 190 2.55 -11.93 12.58
C ILE A 190 3.06 -13.34 12.81
N ASP A 191 2.59 -14.28 11.99
CA ASP A 191 2.89 -15.69 12.18
C ASP A 191 4.26 -16.07 11.58
N GLU A 192 4.63 -17.35 11.71
CA GLU A 192 5.91 -17.88 11.22
C GLU A 192 6.09 -17.70 9.71
N LYS A 193 4.97 -17.64 8.99
CA LYS A 193 4.97 -17.46 7.54
C LYS A 193 4.91 -15.99 7.15
N ARG A 194 5.09 -15.11 8.13
CA ARG A 194 5.08 -13.65 7.94
C ARG A 194 3.73 -13.06 7.47
N ASP A 195 2.66 -13.84 7.54
CA ASP A 195 1.35 -13.27 7.23
C ASP A 195 0.83 -12.46 8.43
N PHE A 196 0.13 -11.38 8.11
CA PHE A 196 -0.35 -10.42 9.10
C PHE A 196 -1.88 -10.44 9.12
N ARG A 197 -2.45 -10.38 10.33
CA ARG A 197 -3.88 -10.22 10.48
C ARG A 197 -4.16 -9.39 11.74
N THR A 198 -5.14 -8.50 11.63
CA THR A 198 -5.58 -7.65 12.72
C THR A 198 -7.01 -7.99 13.16
N TYR A 199 -7.16 -8.28 14.44
CA TYR A 199 -8.44 -8.67 15.05
C TYR A 199 -8.89 -7.69 16.09
N ARG A 200 -10.21 -7.50 16.21
CA ARG A 200 -10.78 -6.83 17.38
C ARG A 200 -10.81 -7.83 18.53
N LEU A 201 -10.20 -7.48 19.67
CA LEU A 201 -10.15 -8.40 20.80
C LEU A 201 -11.53 -8.89 21.27
N SER A 202 -12.49 -7.97 21.37
CA SER A 202 -13.85 -8.30 21.79
C SER A 202 -14.49 -9.31 20.83
N LEU A 203 -14.06 -9.27 19.57
CA LEU A 203 -14.60 -10.18 18.57
C LEU A 203 -13.94 -11.55 18.58
N LEU A 204 -12.68 -11.63 19.03
CA LEU A 204 -12.06 -12.93 19.30
C LEU A 204 -12.77 -13.65 20.45
N GLU A 205 -13.28 -12.89 21.42
CA GLU A 205 -14.10 -13.47 22.50
C GLU A 205 -15.33 -14.14 21.93
N GLU A 206 -15.95 -13.50 20.94
CA GLU A 206 -17.20 -13.99 20.36
C GLU A 206 -16.99 -15.14 19.38
N TYR A 207 -15.96 -15.04 18.55
CA TYR A 207 -15.78 -15.97 17.43
C TYR A 207 -14.67 -17.00 17.65
N GLY A 208 -13.86 -16.79 18.69
CA GLY A 208 -12.73 -17.68 18.98
C GLY A 208 -11.49 -17.34 18.17
N CYS A 209 -10.40 -18.06 18.43
CA CYS A 209 -9.15 -17.93 17.67
C CYS A 209 -8.36 -19.21 17.83
N CYS A 210 -7.36 -19.40 16.98
CA CYS A 210 -6.50 -20.57 17.01
C CYS A 210 -5.66 -20.63 18.29
N LYS A 211 -5.12 -21.81 18.57
CA LYS A 211 -4.37 -22.06 19.80
C LYS A 211 -3.09 -21.22 19.91
N GLU A 212 -2.41 -20.99 18.78
CA GLU A 212 -1.17 -20.23 18.84
C GLU A 212 -1.36 -18.75 19.16
N LEU A 213 -2.38 -18.11 18.58
CA LEU A 213 -2.72 -16.74 18.98
C LEU A 213 -3.19 -16.70 20.44
N ALA A 214 -4.01 -17.68 20.84
CA ALA A 214 -4.48 -17.76 22.23
C ALA A 214 -3.34 -17.85 23.26
N SER A 215 -2.35 -18.71 23.03
CA SER A 215 -1.25 -18.83 24.00
C SER A 215 -0.37 -17.58 24.04
N ARG A 216 -0.24 -16.94 22.89
CA ARG A 216 0.51 -15.69 22.81
C ARG A 216 -0.21 -14.53 23.51
N LEU A 217 -1.54 -14.51 23.42
CA LEU A 217 -2.30 -13.50 24.14
C LEU A 217 -2.25 -13.72 25.65
N ARG A 218 -2.17 -14.98 26.09
CA ARG A 218 -1.88 -15.26 27.51
C ARG A 218 -0.52 -14.71 27.96
N TYR A 219 0.50 -14.97 27.16
CA TYR A 219 1.84 -14.40 27.43
C TYR A 219 1.82 -12.86 27.41
N ALA A 220 1.13 -12.29 26.43
CA ALA A 220 0.97 -10.84 26.32
C ALA A 220 0.42 -10.24 27.61
N ARG A 221 -0.59 -10.89 28.18
CA ARG A 221 -1.15 -10.46 29.47
C ARG A 221 -0.09 -10.40 30.57
N THR A 222 0.73 -11.43 30.67
CA THR A 222 1.81 -11.52 31.66
C THR A 222 2.77 -10.33 31.50
N MET A 223 3.10 -10.01 30.24
CA MET A 223 4.02 -8.90 29.89
C MET A 223 3.43 -7.54 30.19
N VAL A 224 2.14 -7.37 29.92
CA VAL A 224 1.43 -6.15 30.31
C VAL A 224 1.44 -6.00 31.85
N ASP A 225 1.22 -7.11 32.58
CA ASP A 225 1.37 -7.09 34.05
C ASP A 225 2.77 -6.57 34.46
N LYS A 226 3.80 -7.12 33.81
CA LYS A 226 5.18 -6.68 34.04
C LYS A 226 5.39 -5.19 33.78
N LEU A 227 4.84 -4.68 32.67
CA LEU A 227 4.98 -3.27 32.34
C LEU A 227 4.34 -2.39 33.41
N LEU A 228 3.22 -2.87 33.96
CA LEU A 228 2.45 -2.14 34.95
C LEU A 228 3.11 -2.13 36.33
N SER A 229 3.72 -3.25 36.72
CA SER A 229 4.46 -3.30 37.98
C SER A 229 5.79 -2.54 37.92
N SER A 230 6.37 -2.42 36.73
CA SER A 230 7.54 -1.57 36.50
C SER A 230 7.11 -0.19 36.05
N ASP B 8 -3.04 -11.77 -10.18
CA ASP B 8 -2.24 -11.25 -11.32
C ASP B 8 -0.85 -10.91 -10.85
N CYS B 9 0.15 -11.36 -11.60
CA CYS B 9 1.54 -11.11 -11.24
C CYS B 9 1.86 -9.63 -11.37
N HIS B 10 1.33 -8.99 -12.41
CA HIS B 10 1.54 -7.55 -12.61
C HIS B 10 0.92 -6.70 -11.50
N LEU B 11 -0.29 -7.03 -11.08
CA LEU B 11 -0.97 -6.35 -9.98
C LEU B 11 -0.22 -6.47 -8.65
N SER B 12 0.33 -7.66 -8.40
CA SER B 12 1.13 -7.92 -7.22
C SER B 12 2.40 -7.07 -7.24
N ASP B 13 3.06 -6.99 -8.40
CA ASP B 13 4.24 -6.12 -8.54
C ASP B 13 3.86 -4.66 -8.35
N MET B 14 2.72 -4.26 -8.91
CA MET B 14 2.32 -2.87 -8.78
C MET B 14 2.05 -2.52 -7.30
N LEU B 15 1.45 -3.46 -6.57
CA LEU B 15 1.18 -3.25 -5.15
C LEU B 15 2.46 -3.02 -4.34
N GLN B 16 3.49 -3.84 -4.59
CA GLN B 16 4.79 -3.66 -3.94
C GLN B 16 5.42 -2.31 -4.31
N GLN B 17 5.30 -1.92 -5.57
CA GLN B 17 5.87 -0.64 -6.03
C GLN B 17 5.18 0.57 -5.35
N LEU B 18 3.86 0.52 -5.30
CA LEU B 18 3.06 1.55 -4.65
C LEU B 18 3.26 1.58 -3.13
N HIS B 19 3.35 0.40 -2.51
CA HIS B 19 3.61 0.30 -1.06
C HIS B 19 4.92 0.99 -0.69
N SER B 20 5.95 0.73 -1.48
CA SER B 20 7.28 1.27 -1.27
C SER B 20 7.30 2.79 -1.45
N VAL B 21 6.72 3.31 -2.53
CA VAL B 21 6.71 4.76 -2.73
C VAL B 21 5.89 5.46 -1.64
N ASN B 22 4.73 4.92 -1.31
CA ASN B 22 3.85 5.55 -0.32
C ASN B 22 4.47 5.58 1.08
N ALA B 23 5.12 4.48 1.45
CA ALA B 23 5.82 4.35 2.74
C ALA B 23 6.92 5.41 2.94
N SER B 24 7.52 5.87 1.85
CA SER B 24 8.60 6.86 1.92
C SER B 24 8.10 8.30 2.13
N LYS B 25 6.77 8.47 2.19
CA LYS B 25 6.16 9.78 2.45
C LYS B 25 6.77 10.88 1.58
N PRO B 26 6.72 10.70 0.23
CA PRO B 26 7.47 11.52 -0.72
C PRO B 26 7.12 13.02 -0.74
N SER B 27 5.95 13.38 -0.23
CA SER B 27 5.59 14.78 -0.14
C SER B 27 6.21 15.47 1.10
N GLU B 28 6.78 14.69 2.01
CA GLU B 28 7.31 15.22 3.27
C GLU B 28 8.82 15.47 3.22
N ARG B 29 9.23 16.36 2.30
CA ARG B 29 10.62 16.68 2.06
C ARG B 29 10.77 18.19 2.09
N GLY B 30 11.93 18.67 2.52
CA GLY B 30 12.23 20.11 2.49
C GLY B 30 12.05 20.68 1.09
N LEU B 31 12.81 20.14 0.14
CA LEU B 31 12.67 20.53 -1.26
C LEU B 31 12.29 19.33 -2.11
N VAL B 32 11.08 19.36 -2.65
CA VAL B 32 10.66 18.34 -3.61
C VAL B 32 11.36 18.52 -4.96
N ARG B 33 11.88 17.42 -5.49
CA ARG B 33 12.63 17.42 -6.74
C ARG B 33 12.08 16.40 -7.74
N GLN B 34 10.78 16.50 -7.97
CA GLN B 34 9.98 15.57 -8.77
C GLN B 34 10.54 15.43 -10.19
N GLU B 35 10.98 16.55 -10.75
CA GLU B 35 11.58 16.61 -12.11
C GLU B 35 12.74 15.62 -12.32
N GLU B 36 13.53 15.37 -11.29
CA GLU B 36 14.61 14.38 -11.35
C GLU B 36 14.12 12.96 -11.57
N ALA B 37 12.85 12.69 -11.22
CA ALA B 37 12.25 11.35 -11.35
C ALA B 37 11.60 11.11 -12.72
N GLU B 38 11.54 12.15 -13.55
CA GLU B 38 10.93 12.04 -14.87
C GLU B 38 11.75 11.12 -15.75
N ASP B 39 11.03 10.35 -16.56
CA ASP B 39 11.66 9.49 -17.54
C ASP B 39 10.71 9.38 -18.73
N PRO B 40 10.89 10.26 -19.73
CA PRO B 40 10.03 10.24 -20.93
C PRO B 40 10.12 8.93 -21.73
N ALA B 41 11.14 8.11 -21.44
CA ALA B 41 11.29 6.82 -22.12
C ALA B 41 10.37 5.76 -21.53
N CYS B 42 9.65 6.13 -20.46
CA CYS B 42 8.71 5.24 -19.80
C CYS B 42 7.26 5.60 -20.10
N ILE B 43 7.07 6.61 -20.95
CA ILE B 43 5.71 6.99 -21.37
C ILE B 43 4.99 5.74 -21.89
N PRO B 44 3.74 5.51 -21.45
CA PRO B 44 3.05 4.30 -21.87
C PRO B 44 2.84 4.22 -23.38
N ILE B 45 2.69 3.00 -23.88
CA ILE B 45 2.35 2.75 -25.27
C ILE B 45 0.84 2.91 -25.43
N PHE B 46 0.10 2.42 -24.44
CA PHE B 46 -1.37 2.41 -24.51
C PHE B 46 -1.96 2.99 -23.24
N TRP B 47 -3.06 3.72 -23.40
CA TRP B 47 -3.95 4.02 -22.29
C TRP B 47 -5.38 4.14 -22.85
N VAL B 48 -6.36 4.22 -21.95
CA VAL B 48 -7.76 4.41 -22.31
C VAL B 48 -7.99 5.89 -22.56
N SER B 49 -8.38 6.22 -23.78
CA SER B 49 -8.55 7.63 -24.15
C SER B 49 -10.02 8.08 -24.09
N LYS B 50 -10.94 7.12 -24.19
CA LYS B 50 -12.38 7.37 -24.10
C LYS B 50 -13.07 6.14 -23.50
N TRP B 51 -14.12 6.36 -22.71
CA TRP B 51 -14.94 5.24 -22.21
C TRP B 51 -16.42 5.58 -22.11
N VAL B 52 -17.25 4.54 -22.16
CA VAL B 52 -18.70 4.69 -22.12
C VAL B 52 -19.24 3.57 -21.24
N ASP B 53 -19.86 3.96 -20.11
CA ASP B 53 -20.43 2.99 -19.20
C ASP B 53 -21.88 2.72 -19.61
N TYR B 54 -22.08 1.60 -20.29
CA TYR B 54 -23.43 1.14 -20.61
C TYR B 54 -23.70 -0.17 -19.86
N SER B 55 -23.17 -0.29 -18.66
CA SER B 55 -23.22 -1.52 -17.86
C SER B 55 -24.61 -1.93 -17.39
N ASP B 56 -25.57 -1.01 -17.37
CA ASP B 56 -26.98 -1.35 -17.06
C ASP B 56 -27.58 -2.32 -18.05
N LYS B 57 -27.05 -2.33 -19.28
CA LYS B 57 -27.61 -3.18 -20.31
C LYS B 57 -26.61 -4.04 -21.07
N TYR B 58 -25.48 -3.44 -21.45
CA TYR B 58 -24.60 -4.06 -22.44
C TYR B 58 -23.18 -4.32 -21.97
N GLY B 59 -22.57 -3.31 -21.34
CA GLY B 59 -21.19 -3.45 -20.91
C GLY B 59 -20.49 -2.10 -20.95
N LEU B 60 -19.15 -2.15 -21.04
CA LEU B 60 -18.29 -0.97 -20.97
C LEU B 60 -17.53 -0.87 -22.29
N GLY B 61 -17.82 0.17 -23.06
CA GLY B 61 -17.08 0.38 -24.30
C GLY B 61 -15.95 1.37 -24.08
N TYR B 62 -14.86 1.22 -24.85
CA TYR B 62 -13.69 2.08 -24.66
C TYR B 62 -12.86 2.25 -25.92
N GLN B 63 -12.06 3.30 -25.94
CA GLN B 63 -11.12 3.55 -27.03
C GLN B 63 -9.75 3.60 -26.37
N LEU B 64 -8.77 2.94 -26.99
CA LEU B 64 -7.38 3.12 -26.60
C LEU B 64 -6.76 4.25 -27.45
N CYS B 65 -5.67 4.81 -26.95
CA CYS B 65 -5.05 5.98 -27.53
C CYS B 65 -4.60 5.78 -28.97
N ASP B 66 -4.50 4.52 -29.41
CA ASP B 66 -4.20 4.26 -30.84
C ASP B 66 -5.45 4.22 -31.78
N ASN B 67 -6.61 4.58 -31.23
CA ASN B 67 -7.91 4.57 -31.94
C ASN B 67 -8.55 3.19 -32.10
N SER B 68 -7.93 2.15 -31.55
CA SER B 68 -8.62 0.88 -31.47
C SER B 68 -9.77 1.04 -30.47
N VAL B 69 -10.80 0.21 -30.66
CA VAL B 69 -11.96 0.24 -29.78
C VAL B 69 -12.23 -1.13 -29.14
N GLY B 70 -12.66 -1.13 -27.89
CA GLY B 70 -12.95 -2.42 -27.24
C GLY B 70 -14.26 -2.37 -26.48
N VAL B 71 -14.81 -3.54 -26.18
CA VAL B 71 -15.97 -3.63 -25.30
C VAL B 71 -15.74 -4.82 -24.35
N LEU B 72 -16.01 -4.61 -23.05
CA LEU B 72 -16.14 -5.70 -22.10
C LEU B 72 -17.63 -5.84 -21.85
N PHE B 73 -18.20 -6.92 -22.40
CA PHE B 73 -19.64 -7.12 -22.29
C PHE B 73 -20.04 -7.61 -20.91
N ASN B 74 -21.31 -7.42 -20.59
CA ASN B 74 -21.84 -7.89 -19.32
C ASN B 74 -21.72 -9.40 -19.14
N ASP B 75 -21.66 -10.12 -20.24
CA ASP B 75 -21.54 -11.58 -20.22
C ASP B 75 -20.09 -12.03 -20.02
N SER B 76 -19.19 -11.07 -19.82
CA SER B 76 -17.75 -11.33 -19.60
C SER B 76 -16.95 -11.72 -20.85
N THR B 77 -17.56 -11.58 -22.01
CA THR B 77 -16.80 -11.70 -23.25
C THR B 77 -16.27 -10.32 -23.67
N ARG B 78 -15.32 -10.33 -24.61
CA ARG B 78 -14.67 -9.10 -25.05
C ARG B 78 -14.52 -9.06 -26.55
N LEU B 79 -14.61 -7.87 -27.13
CA LEU B 79 -14.46 -7.70 -28.55
C LEU B 79 -13.65 -6.47 -28.81
N ILE B 80 -12.63 -6.62 -29.64
CA ILE B 80 -11.69 -5.55 -29.87
C ILE B 80 -11.62 -5.28 -31.36
N LEU B 81 -11.78 -4.02 -31.76
CA LEU B 81 -11.65 -3.64 -33.15
C LEU B 81 -10.37 -2.86 -33.32
N TYR B 82 -9.42 -3.41 -34.09
CA TYR B 82 -8.14 -2.75 -34.30
C TYR B 82 -8.32 -1.48 -35.12
N ASN B 83 -7.32 -0.61 -35.08
CA ASN B 83 -7.41 0.71 -35.74
C ASN B 83 -7.40 0.68 -37.28
N ASP B 84 -7.27 -0.51 -37.86
CA ASP B 84 -7.51 -0.65 -39.30
C ASP B 84 -9.01 -0.59 -39.65
N GLY B 85 -9.87 -0.64 -38.63
CA GLY B 85 -11.31 -0.54 -38.80
C GLY B 85 -11.98 -1.78 -39.33
N ASP B 86 -11.26 -2.92 -39.40
CA ASP B 86 -11.89 -4.17 -39.86
C ASP B 86 -11.47 -5.39 -39.05
N SER B 87 -10.22 -5.43 -38.61
CA SER B 87 -9.72 -6.60 -37.87
C SER B 87 -10.30 -6.65 -36.47
N LEU B 88 -10.80 -7.80 -36.08
CA LEU B 88 -11.37 -7.99 -34.76
C LEU B 88 -10.61 -9.07 -33.99
N GLN B 89 -10.64 -8.94 -32.68
CA GLN B 89 -10.30 -10.05 -31.79
C GLN B 89 -11.48 -10.31 -30.85
N TYR B 90 -11.88 -11.58 -30.72
CA TYR B 90 -12.94 -11.91 -29.84
C TYR B 90 -12.40 -12.80 -28.74
N ILE B 91 -12.79 -12.53 -27.51
CA ILE B 91 -12.32 -13.28 -26.36
C ILE B 91 -13.50 -13.89 -25.63
N GLU B 92 -13.55 -15.23 -25.63
CA GLU B 92 -14.61 -15.95 -24.96
C GLU B 92 -14.47 -15.84 -23.44
N ARG B 93 -15.48 -16.28 -22.72
CA ARG B 93 -15.46 -16.26 -21.25
C ARG B 93 -14.22 -16.95 -20.64
N ASP B 94 -13.77 -18.07 -21.22
CA ASP B 94 -12.58 -18.77 -20.69
C ASP B 94 -11.26 -18.19 -21.19
N GLY B 95 -11.33 -17.01 -21.80
CA GLY B 95 -10.13 -16.35 -22.29
C GLY B 95 -9.61 -16.89 -23.62
N THR B 96 -10.34 -17.83 -24.23
CA THR B 96 -10.03 -18.27 -25.61
C THR B 96 -10.18 -17.10 -26.58
N GLU B 97 -9.14 -16.84 -27.35
CA GLU B 97 -9.11 -15.71 -28.28
C GLU B 97 -9.15 -16.20 -29.73
N SER B 98 -9.86 -15.47 -30.58
CA SER B 98 -9.82 -15.69 -32.03
C SER B 98 -9.83 -14.36 -32.77
N TYR B 99 -9.32 -14.38 -34.00
CA TYR B 99 -9.35 -13.21 -34.88
C TYR B 99 -10.39 -13.40 -35.99
N LEU B 100 -11.05 -12.30 -36.36
CA LEU B 100 -11.96 -12.32 -37.50
C LEU B 100 -11.99 -10.91 -38.12
N THR B 101 -12.87 -10.66 -39.08
CA THR B 101 -13.03 -9.31 -39.59
C THR B 101 -14.49 -8.90 -39.46
N VAL B 102 -14.73 -7.60 -39.33
CA VAL B 102 -16.12 -7.09 -39.40
C VAL B 102 -16.74 -7.51 -40.74
N SER B 103 -15.94 -7.38 -41.80
CA SER B 103 -16.40 -7.66 -43.17
C SER B 103 -16.83 -9.12 -43.36
N SER B 104 -16.22 -10.02 -42.60
CA SER B 104 -16.56 -11.43 -42.60
C SER B 104 -16.88 -11.77 -41.17
N HIS B 105 -18.01 -11.26 -40.70
CA HIS B 105 -18.41 -11.52 -39.34
C HIS B 105 -19.56 -12.51 -39.35
N PRO B 106 -19.49 -13.48 -38.43
CA PRO B 106 -20.55 -14.46 -38.39
C PRO B 106 -21.79 -13.90 -37.73
N ASN B 107 -22.92 -14.52 -38.02
CA ASN B 107 -24.19 -14.16 -37.40
C ASN B 107 -24.17 -14.17 -35.88
N SER B 108 -23.40 -15.09 -35.31
CA SER B 108 -23.34 -15.22 -33.84
C SER B 108 -22.74 -13.96 -33.20
N LEU B 109 -21.94 -13.23 -33.96
CA LEU B 109 -21.35 -12.00 -33.41
C LEU B 109 -22.00 -10.70 -33.91
N MET B 110 -23.08 -10.81 -34.67
CA MET B 110 -23.76 -9.61 -35.20
C MET B 110 -24.13 -8.61 -34.10
N LYS B 111 -24.81 -9.07 -33.05
CA LYS B 111 -25.26 -8.18 -31.95
C LYS B 111 -24.11 -7.47 -31.24
N LYS B 112 -23.04 -8.22 -30.95
CA LYS B 112 -21.85 -7.62 -30.33
C LYS B 112 -21.08 -6.65 -31.23
N ILE B 113 -21.01 -6.95 -32.53
CA ILE B 113 -20.36 -6.03 -33.48
C ILE B 113 -21.20 -4.76 -33.67
N THR B 114 -22.51 -4.92 -33.75
CA THR B 114 -23.42 -3.76 -33.72
C THR B 114 -23.19 -2.89 -32.47
N LEU B 115 -23.07 -3.51 -31.31
CA LEU B 115 -22.83 -2.74 -30.06
C LEU B 115 -21.46 -2.06 -30.10
N LEU B 116 -20.44 -2.80 -30.53
CA LEU B 116 -19.12 -2.17 -30.72
C LEU B 116 -19.19 -0.96 -31.66
N LYS B 117 -19.88 -1.09 -32.79
CA LYS B 117 -20.03 0.06 -33.70
C LYS B 117 -20.80 1.21 -33.05
N TYR B 118 -21.78 0.90 -32.22
CA TYR B 118 -22.50 1.95 -31.46
C TYR B 118 -21.55 2.77 -30.57
N PHE B 119 -20.71 2.08 -29.80
CA PHE B 119 -19.71 2.73 -28.94
C PHE B 119 -18.72 3.54 -29.77
N ARG B 120 -18.27 2.97 -30.89
CA ARG B 120 -17.30 3.71 -31.72
C ARG B 120 -17.91 5.03 -32.24
N ASN B 121 -19.17 4.97 -32.68
CA ASN B 121 -19.90 6.17 -33.14
C ASN B 121 -20.09 7.19 -32.03
N TYR B 122 -20.64 6.72 -30.91
CA TYR B 122 -20.83 7.60 -29.73
C TYR B 122 -19.54 8.29 -29.30
N MET B 123 -18.47 7.51 -29.14
CA MET B 123 -17.19 8.09 -28.75
C MET B 123 -16.67 9.10 -29.78
N SER B 124 -16.82 8.78 -31.06
CA SER B 124 -16.41 9.69 -32.15
C SER B 124 -17.19 11.00 -32.12
N GLU B 125 -18.49 10.89 -31.88
CA GLU B 125 -19.34 12.08 -31.91
C GLU B 125 -19.31 12.95 -30.67
N HIS B 126 -19.07 12.32 -29.52
CA HIS B 126 -19.42 12.96 -28.27
C HIS B 126 -18.31 13.06 -27.24
N LEU B 127 -17.16 12.45 -27.53
CA LEU B 127 -16.04 12.47 -26.58
C LEU B 127 -14.72 12.91 -27.23
N LEU B 128 -13.84 13.51 -26.44
CA LEU B 128 -12.50 13.85 -26.91
C LEU B 128 -11.48 12.90 -26.27
N LYS B 129 -10.30 12.79 -26.87
CA LYS B 129 -9.30 11.80 -26.45
C LYS B 129 -8.50 12.30 -25.28
N ALA B 130 -8.50 11.52 -24.19
CA ALA B 130 -7.58 11.78 -23.08
C ALA B 130 -6.15 11.57 -23.59
N GLY B 131 -5.28 12.48 -23.17
CA GLY B 131 -3.90 12.48 -23.61
C GLY B 131 -3.71 12.68 -25.09
N ALA B 132 -4.63 13.37 -25.74
CA ALA B 132 -4.51 13.67 -27.18
C ALA B 132 -3.17 14.33 -27.53
N ASN B 133 -2.62 15.10 -26.58
CA ASN B 133 -1.32 15.78 -26.71
C ASN B 133 -0.11 14.92 -26.34
N ILE B 134 -0.33 13.63 -26.09
CA ILE B 134 0.78 12.75 -25.74
C ILE B 134 1.13 11.83 -26.92
N THR B 135 2.39 11.84 -27.35
CA THR B 135 2.85 10.79 -28.27
C THR B 135 3.33 9.59 -27.44
N PRO B 136 2.68 8.42 -27.62
CA PRO B 136 3.10 7.20 -26.88
C PRO B 136 4.53 6.82 -27.16
N ARG B 137 5.18 6.08 -26.26
CA ARG B 137 6.55 5.67 -26.54
C ARG B 137 6.53 4.63 -27.67
N GLU B 138 7.67 4.44 -28.31
CA GLU B 138 7.73 3.49 -29.40
C GLU B 138 7.69 2.06 -28.89
N ASP B 140 8.20 -0.91 -29.26
CA ASP B 140 8.33 -2.36 -29.19
C ASP B 140 7.43 -3.06 -30.22
N GLU B 141 8.03 -3.40 -31.37
CA GLU B 141 7.28 -3.75 -32.58
C GLU B 141 6.26 -4.87 -32.41
N LEU B 142 6.61 -5.90 -31.65
CA LEU B 142 5.74 -7.08 -31.49
C LEU B 142 4.89 -7.05 -30.21
N ALA B 143 4.85 -5.90 -29.55
CA ALA B 143 3.99 -5.69 -28.37
C ALA B 143 2.52 -5.97 -28.70
N ARG B 144 1.78 -6.50 -27.72
CA ARG B 144 0.39 -6.89 -27.97
C ARG B 144 -0.55 -5.76 -27.61
N LEU B 145 -1.61 -5.61 -28.38
CA LEU B 145 -2.64 -4.65 -28.03
C LEU B 145 -3.41 -5.20 -26.83
N PRO B 146 -3.42 -4.49 -25.70
CA PRO B 146 -4.13 -5.00 -24.52
C PRO B 146 -5.65 -4.91 -24.63
N TYR B 147 -6.35 -5.72 -23.84
CA TYR B 147 -7.78 -5.55 -23.69
C TYR B 147 -8.07 -5.07 -22.26
N LEU B 148 -9.31 -4.67 -22.01
CA LEU B 148 -9.71 -4.29 -20.66
C LEU B 148 -10.02 -5.54 -19.87
N ARG B 149 -9.18 -5.82 -18.88
CA ARG B 149 -9.35 -6.98 -18.00
C ARG B 149 -10.47 -6.75 -17.00
N THR B 150 -10.36 -5.66 -16.24
CA THR B 150 -11.29 -5.36 -15.16
C THR B 150 -11.55 -3.85 -15.09
N TRP B 151 -12.73 -3.46 -14.63
CA TRP B 151 -12.98 -2.05 -14.30
C TRP B 151 -13.99 -1.94 -13.18
N PHE B 152 -13.95 -0.81 -12.49
CA PHE B 152 -14.98 -0.48 -11.56
C PHE B 152 -14.97 1.02 -11.30
N ARG B 153 -16.03 1.49 -10.67
CA ARG B 153 -16.13 2.89 -10.35
C ARG B 153 -16.31 3.08 -8.87
N THR B 154 -15.69 4.12 -8.34
CA THR B 154 -15.98 4.59 -6.99
C THR B 154 -16.72 5.92 -7.11
N ARG B 155 -17.00 6.57 -5.97
CA ARG B 155 -17.59 7.90 -6.00
C ARG B 155 -16.61 8.88 -6.62
N SER B 156 -15.33 8.57 -6.54
CA SER B 156 -14.29 9.53 -6.91
C SER B 156 -13.64 9.31 -8.28
N ALA B 157 -13.73 8.09 -8.79
CA ALA B 157 -12.95 7.72 -9.98
C ALA B 157 -13.46 6.47 -10.70
N ILE B 158 -12.93 6.29 -11.92
CA ILE B 158 -13.09 5.05 -12.66
C ILE B 158 -11.70 4.41 -12.73
N ILE B 159 -11.66 3.11 -12.47
CA ILE B 159 -10.43 2.35 -12.37
C ILE B 159 -10.47 1.35 -13.52
N LEU B 160 -9.42 1.35 -14.35
CA LEU B 160 -9.39 0.57 -15.59
C LEU B 160 -8.12 -0.26 -15.58
N HIS B 161 -8.27 -1.59 -15.55
CA HIS B 161 -7.12 -2.50 -15.48
C HIS B 161 -6.94 -3.18 -16.84
N LEU B 162 -5.85 -2.86 -17.53
CA LEU B 162 -5.60 -3.42 -18.86
C LEU B 162 -4.80 -4.71 -18.77
N SER B 163 -4.99 -5.58 -19.77
CA SER B 163 -4.34 -6.90 -19.77
C SER B 163 -2.82 -6.87 -19.87
N ASN B 164 -2.22 -5.72 -20.11
CA ASN B 164 -0.73 -5.58 -20.14
C ASN B 164 -0.17 -5.22 -18.76
N GLY B 165 -1.04 -5.23 -17.76
CA GLY B 165 -0.66 -4.96 -16.39
C GLY B 165 -0.90 -3.52 -15.98
N SER B 166 -1.15 -2.63 -16.96
CA SER B 166 -1.36 -1.20 -16.66
C SER B 166 -2.66 -1.00 -15.90
N VAL B 167 -2.65 -0.04 -14.97
CA VAL B 167 -3.87 0.33 -14.22
C VAL B 167 -4.05 1.83 -14.41
N GLN B 168 -5.21 2.24 -14.89
CA GLN B 168 -5.49 3.65 -15.11
C GLN B 168 -6.60 4.11 -14.16
N ILE B 169 -6.39 5.26 -13.55
CA ILE B 169 -7.40 5.83 -12.66
C ILE B 169 -7.72 7.24 -13.10
N ASN B 170 -8.98 7.45 -13.47
CA ASN B 170 -9.43 8.76 -13.91
C ASN B 170 -10.29 9.36 -12.81
N PHE B 171 -9.85 10.48 -12.26
CA PHE B 171 -10.55 11.14 -11.16
C PHE B 171 -11.61 12.11 -11.70
N PHE B 172 -12.87 11.95 -11.27
CA PHE B 172 -13.98 12.75 -11.86
C PHE B 172 -13.97 14.25 -11.51
N GLN B 173 -13.58 14.60 -10.27
CA GLN B 173 -13.79 15.98 -9.79
C GLN B 173 -12.84 17.02 -10.37
N ASP B 174 -11.65 16.59 -10.79
CA ASP B 174 -10.66 17.51 -11.34
C ASP B 174 -10.07 17.06 -12.69
N HIS B 175 -10.65 16.02 -13.30
CA HIS B 175 -10.16 15.46 -14.58
C HIS B 175 -8.71 14.94 -14.54
N THR B 176 -8.15 14.76 -13.33
CA THR B 176 -6.78 14.22 -13.26
C THR B 176 -6.76 12.71 -13.48
N LYS B 177 -5.64 12.19 -13.99
CA LYS B 177 -5.54 10.78 -14.33
C LYS B 177 -4.16 10.27 -14.02
N LEU B 178 -4.11 9.03 -13.55
CA LEU B 178 -2.85 8.29 -13.38
C LEU B 178 -2.87 7.05 -14.25
N ILE B 179 -1.74 6.76 -14.88
CA ILE B 179 -1.56 5.53 -15.63
C ILE B 179 -0.33 4.88 -15.02
N LEU B 180 -0.57 3.76 -14.37
CA LEU B 180 0.49 3.04 -13.67
C LEU B 180 0.93 1.84 -14.50
N CYS B 181 2.25 1.63 -14.61
CA CYS B 181 2.74 0.47 -15.34
C CYS B 181 3.75 -0.28 -14.46
N PRO B 182 3.45 -1.54 -14.11
CA PRO B 182 4.35 -2.26 -13.24
C PRO B 182 5.56 -2.85 -13.98
N LEU B 183 5.55 -2.82 -15.32
CA LEU B 183 6.72 -3.30 -16.09
C LEU B 183 7.79 -2.22 -16.13
N MET B 184 7.36 -0.99 -16.43
CA MET B 184 8.21 0.19 -16.32
C MET B 184 8.40 0.66 -14.86
N ALA B 185 7.57 0.15 -13.95
CA ALA B 185 7.49 0.65 -12.56
C ALA B 185 7.44 2.18 -12.59
N ALA B 186 6.44 2.69 -13.31
CA ALA B 186 6.32 4.08 -13.65
C ALA B 186 4.87 4.50 -13.47
N VAL B 187 4.70 5.81 -13.29
CA VAL B 187 3.40 6.41 -13.22
C VAL B 187 3.42 7.63 -14.12
N THR B 188 2.39 7.71 -14.97
CA THR B 188 2.12 8.91 -15.71
C THR B 188 1.00 9.67 -15.03
N TYR B 189 1.23 10.95 -14.78
CA TYR B 189 0.27 11.81 -14.12
C TYR B 189 -0.21 12.88 -15.09
N ILE B 190 -1.51 12.88 -15.40
CA ILE B 190 -2.10 13.94 -16.23
C ILE B 190 -2.84 14.89 -15.29
N ASP B 191 -2.36 16.13 -15.23
CA ASP B 191 -2.89 17.10 -14.29
C ASP B 191 -4.10 17.79 -14.87
N GLU B 192 -4.70 18.70 -14.11
CA GLU B 192 -5.96 19.30 -14.52
C GLU B 192 -5.91 20.21 -15.74
N LYS B 193 -4.73 20.75 -16.08
CA LYS B 193 -4.56 21.46 -17.36
C LYS B 193 -3.99 20.56 -18.48
N ARG B 194 -4.19 19.25 -18.32
CA ARG B 194 -3.82 18.25 -19.34
C ARG B 194 -2.32 18.11 -19.56
N ASP B 195 -1.52 18.74 -18.71
CA ASP B 195 -0.07 18.56 -18.74
C ASP B 195 0.22 17.15 -18.26
N PHE B 196 1.20 16.50 -18.87
CA PHE B 196 1.53 15.13 -18.49
C PHE B 196 3.01 14.96 -18.14
N ARG B 197 3.29 14.08 -17.20
CA ARG B 197 4.65 13.70 -16.87
C ARG B 197 4.67 12.22 -16.51
N THR B 198 5.77 11.55 -16.85
CA THR B 198 5.93 10.15 -16.52
C THR B 198 7.11 10.04 -15.55
N TYR B 199 6.91 9.35 -14.42
CA TYR B 199 7.96 9.23 -13.38
C TYR B 199 8.26 7.79 -13.05
N ARG B 200 9.52 7.52 -12.72
CA ARG B 200 9.87 6.25 -12.09
C ARG B 200 9.49 6.31 -10.62
N LEU B 201 8.66 5.37 -10.18
CA LEU B 201 8.20 5.35 -8.79
C LEU B 201 9.32 5.31 -7.76
N SER B 202 10.37 4.52 -8.03
CA SER B 202 11.49 4.43 -7.08
C SER B 202 12.26 5.75 -6.98
N LEU B 203 12.21 6.55 -8.04
CA LEU B 203 12.85 7.86 -8.05
C LEU B 203 12.00 8.94 -7.35
N LEU B 204 10.68 8.74 -7.31
CA LEU B 204 9.81 9.58 -6.47
C LEU B 204 10.11 9.35 -4.99
N GLU B 205 10.44 8.12 -4.62
CA GLU B 205 10.88 7.85 -3.23
C GLU B 205 12.12 8.68 -2.92
N GLU B 206 13.04 8.72 -3.87
CA GLU B 206 14.31 9.39 -3.68
C GLU B 206 14.18 10.91 -3.66
N TYR B 207 13.46 11.45 -4.65
CA TYR B 207 13.50 12.89 -4.91
C TYR B 207 12.27 13.65 -4.38
N GLY B 208 11.23 12.90 -4.05
CA GLY B 208 9.99 13.45 -3.55
C GLY B 208 9.04 13.83 -4.68
N CYS B 209 7.84 14.25 -4.30
CA CYS B 209 6.86 14.72 -5.27
C CYS B 209 5.84 15.59 -4.56
N CYS B 210 5.08 16.35 -5.34
CA CYS B 210 4.05 17.23 -4.80
C CYS B 210 2.98 16.44 -4.04
N LYS B 211 2.28 17.14 -3.15
CA LYS B 211 1.25 16.53 -2.32
C LYS B 211 0.11 15.97 -3.18
N GLU B 212 -0.20 16.62 -4.30
CA GLU B 212 -1.27 16.17 -5.20
C GLU B 212 -1.00 14.77 -5.77
N LEU B 213 0.18 14.60 -6.36
CA LEU B 213 0.58 13.28 -6.84
C LEU B 213 0.71 12.29 -5.69
N ALA B 214 1.32 12.71 -4.58
CA ALA B 214 1.43 11.85 -3.40
C ALA B 214 0.06 11.29 -3.03
N SER B 215 -0.94 12.16 -2.89
CA SER B 215 -2.24 11.70 -2.43
C SER B 215 -2.93 10.76 -3.42
N ARG B 216 -2.78 11.03 -4.72
CA ARG B 216 -3.35 10.13 -5.75
C ARG B 216 -2.70 8.76 -5.75
N LEU B 217 -1.40 8.72 -5.44
CA LEU B 217 -0.69 7.45 -5.26
C LEU B 217 -1.19 6.62 -4.06
N ARG B 218 -1.57 7.29 -2.96
CA ARG B 218 -2.18 6.60 -1.81
C ARG B 218 -3.51 5.98 -2.22
N TYR B 219 -4.32 6.79 -2.90
CA TYR B 219 -5.57 6.34 -3.48
C TYR B 219 -5.39 5.15 -4.40
N ALA B 220 -4.40 5.25 -5.30
CA ALA B 220 -4.12 4.16 -6.24
C ALA B 220 -3.78 2.86 -5.53
N ARG B 221 -3.03 2.96 -4.43
CA ARG B 221 -2.68 1.76 -3.66
C ARG B 221 -3.95 1.03 -3.22
N THR B 222 -4.88 1.81 -2.66
CA THR B 222 -6.19 1.33 -2.24
C THR B 222 -6.93 0.58 -3.37
N MET B 223 -6.89 1.17 -4.57
CA MET B 223 -7.58 0.63 -5.73
C MET B 223 -6.97 -0.69 -6.22
N VAL B 224 -5.65 -0.79 -6.13
CA VAL B 224 -4.95 -2.01 -6.51
C VAL B 224 -5.24 -3.16 -5.55
N ASP B 225 -5.33 -2.84 -4.26
CA ASP B 225 -5.77 -3.79 -3.25
C ASP B 225 -7.16 -4.31 -3.58
N LYS B 226 -8.06 -3.40 -3.98
CA LYS B 226 -9.41 -3.79 -4.41
C LYS B 226 -9.36 -4.71 -5.62
N LEU B 227 -8.55 -4.36 -6.61
CA LEU B 227 -8.34 -5.21 -7.79
C LEU B 227 -7.86 -6.62 -7.40
N LEU B 228 -6.91 -6.67 -6.47
CA LEU B 228 -6.40 -7.94 -5.97
C LEU B 228 -7.36 -8.65 -5.01
N SER B 229 -8.31 -7.90 -4.44
CA SER B 229 -9.29 -8.44 -3.48
C SER B 229 -10.34 -9.35 -4.13
N SER B 230 -11.00 -8.86 -5.18
CA SER B 230 -11.99 -9.67 -5.90
C1 GOL C . -17.17 10.76 -19.57
O1 GOL C . -17.13 11.81 -18.61
C2 GOL C . -15.73 10.42 -19.96
O2 GOL C . -15.13 11.59 -20.42
C3 GOL C . -15.66 9.39 -21.10
O3 GOL C . -14.37 9.33 -21.70
OAA PXE D . -11.07 10.05 -21.33
NAB PXE D . -11.46 10.73 -20.23
CAC PXE D . -11.43 12.09 -20.27
CAD PXE D . -10.98 12.77 -21.38
CAE PXE D . -11.00 14.13 -21.44
CAF PXE D . -11.45 14.83 -20.27
CAG PXE D . -11.83 14.21 -19.16
CAH PXE D . -11.85 12.88 -19.12
OAI PXE D . -11.49 16.01 -20.26
CAJ PXE D . -12.33 12.34 -17.84
CAK PXE D . -10.55 14.99 -22.49
CAL PXE D . -9.79 14.27 -23.55
CAM PXE D . -9.52 15.72 -21.72
#